data_9HFV
#
_entry.id   9HFV
#
_cell.length_a   39.830
_cell.length_b   57.080
_cell.length_c   61.240
_cell.angle_alpha   90.000
_cell.angle_beta   90.000
_cell.angle_gamma   90.000
#
_symmetry.space_group_name_H-M   'P 21 21 21'
#
loop_
_entity.id
_entity.type
_entity.pdbx_description
1 polymer 'Speckle-type POZ protein'
2 polymer 'Myeloid differentiation primary response protein MyD88'
3 water water
#
loop_
_entity_poly.entity_id
_entity_poly.type
_entity_poly.pdbx_seq_one_letter_code
_entity_poly.pdbx_strand_id
1 'polypeptide(L)'
;APKVVKFSYMWTINNFSFCREEMGEVIKSSTFSSGANDKLKWCLRVNPKGLDEESKDYLSLYLLLVSCPKSEVRAKFKFS
ILNAKGEETKAMESQRAYRFVQGKDWGFKKFIRRDFLLDEANGLLPDDKLTLFCEVSVVQD
;
A
2 'polypeptide(L)' KPLQVAAVDSSVPRTAELAG B
#
# COMPACT_ATOMS: atom_id res chain seq x y z
N ALA A 1 -10.38 23.38 13.17
CA ALA A 1 -10.94 22.13 12.67
C ALA A 1 -10.24 21.70 11.38
N PRO A 2 -9.40 20.67 11.44
CA PRO A 2 -8.91 20.07 10.18
C PRO A 2 -10.06 19.61 9.29
N LYS A 3 -9.88 19.77 7.98
CA LYS A 3 -10.83 19.35 6.96
C LYS A 3 -10.29 18.11 6.26
N VAL A 4 -11.07 17.03 6.22
CA VAL A 4 -10.55 15.70 5.85
C VAL A 4 -11.38 15.12 4.73
N VAL A 5 -10.70 14.59 3.72
CA VAL A 5 -11.32 13.97 2.56
C VAL A 5 -10.91 12.50 2.54
N LYS A 6 -11.89 11.62 2.52
CA LYS A 6 -11.68 10.19 2.50
C LYS A 6 -11.88 9.64 1.09
N PHE A 7 -10.97 8.78 0.66
CA PHE A 7 -11.08 8.15 -0.65
C PHE A 7 -10.36 6.81 -0.57
N SER A 8 -10.56 6.01 -1.59
CA SER A 8 -10.01 4.66 -1.58
C SER A 8 -9.72 4.17 -2.98
N TYR A 9 -8.97 3.07 -3.03
CA TYR A 9 -8.56 2.47 -4.29
C TYR A 9 -8.34 0.98 -4.08
N MET A 10 -8.89 0.17 -4.97
CA MET A 10 -8.67 -1.27 -5.00
C MET A 10 -7.77 -1.62 -6.17
N TRP A 11 -6.70 -2.36 -5.88
CA TRP A 11 -5.72 -2.75 -6.88
C TRP A 11 -5.55 -4.24 -6.91
N THR A 12 -5.76 -4.84 -8.06
CA THR A 12 -5.50 -6.27 -8.24
C THR A 12 -4.23 -6.41 -9.05
N ILE A 13 -3.26 -7.12 -8.46
CA ILE A 13 -2.02 -7.51 -9.11
C ILE A 13 -2.27 -8.90 -9.66
N ASN A 14 -2.35 -9.00 -10.97
CA ASN A 14 -2.57 -10.28 -11.60
C ASN A 14 -1.25 -11.01 -11.74
N ASN A 15 -1.33 -12.33 -11.89
CA ASN A 15 -0.16 -13.13 -12.21
C ASN A 15 0.97 -12.90 -11.21
N PHE A 16 0.60 -12.94 -9.93
CA PHE A 16 1.54 -12.65 -8.87
C PHE A 16 2.77 -13.54 -8.90
N SER A 17 2.62 -14.80 -9.30
CA SER A 17 3.75 -15.72 -9.34
C SER A 17 4.73 -15.42 -10.46
N PHE A 18 4.45 -14.43 -11.30
CA PHE A 18 5.34 -14.04 -12.38
C PHE A 18 6.15 -12.81 -12.01
N CYS A 19 6.06 -12.36 -10.75
CA CYS A 19 6.95 -11.33 -10.27
C CYS A 19 8.41 -11.78 -10.35
N ARG A 20 9.30 -10.81 -10.58
CA ARG A 20 10.70 -11.08 -10.76
C ARG A 20 11.30 -11.78 -9.54
N GLU A 21 12.30 -12.63 -9.78
CA GLU A 21 13.00 -13.36 -8.73
C GLU A 21 14.04 -12.47 -8.06
N GLU A 22 14.97 -11.93 -8.85
CA GLU A 22 15.94 -10.98 -8.33
C GLU A 22 15.22 -9.93 -7.49
N MET A 23 15.86 -9.52 -6.40
CA MET A 23 15.26 -8.50 -5.54
C MET A 23 15.35 -7.14 -6.23
N GLY A 24 14.47 -6.24 -5.82
CA GLY A 24 14.44 -4.88 -6.34
C GLY A 24 13.21 -4.56 -7.17
N GLU A 25 12.41 -5.55 -7.55
CA GLU A 25 11.22 -5.29 -8.34
C GLU A 25 10.30 -4.33 -7.59
N VAL A 26 9.80 -3.35 -8.32
CA VAL A 26 8.78 -2.43 -7.87
C VAL A 26 7.61 -2.60 -8.83
N ILE A 27 6.41 -2.71 -8.28
CA ILE A 27 5.18 -2.72 -9.07
C ILE A 27 4.33 -1.58 -8.53
N LYS A 28 3.70 -0.83 -9.41
CA LYS A 28 2.87 0.29 -9.01
C LYS A 28 1.48 0.18 -9.61
N SER A 29 0.51 0.68 -8.85
CA SER A 29 -0.85 0.79 -9.35
C SER A 29 -0.99 1.99 -10.28
N SER A 30 -2.13 2.04 -10.97
CA SER A 30 -2.57 3.27 -11.61
C SER A 30 -2.74 4.34 -10.56
N THR A 31 -2.71 5.59 -10.99
CA THR A 31 -2.91 6.72 -10.09
C THR A 31 -4.38 6.85 -9.75
N PHE A 32 -4.62 7.43 -8.56
CA PHE A 32 -5.95 7.68 -8.06
C PHE A 32 -5.94 8.95 -7.23
N SER A 33 -7.12 9.48 -6.98
CA SER A 33 -7.25 10.77 -6.32
C SER A 33 -8.57 10.85 -5.58
N SER A 34 -8.70 11.89 -4.78
CA SER A 34 -10.01 12.19 -4.20
C SER A 34 -10.83 12.97 -5.22
N GLY A 35 -12.08 13.20 -4.91
CA GLY A 35 -12.82 14.11 -5.72
C GLY A 35 -12.44 15.55 -5.52
N ALA A 36 -11.63 15.85 -4.49
CA ALA A 36 -11.38 17.25 -4.10
C ALA A 36 -10.82 18.08 -5.24
N ASN A 37 -10.31 17.45 -6.30
CA ASN A 37 -9.91 18.14 -7.53
C ASN A 37 -8.83 19.18 -7.26
N ASP A 38 -7.75 18.74 -6.60
CA ASP A 38 -6.69 19.63 -6.13
C ASP A 38 -5.34 19.32 -6.77
N LYS A 39 -5.31 18.52 -7.84
CA LYS A 39 -4.12 18.14 -8.61
C LYS A 39 -3.30 17.04 -7.95
N LEU A 40 -3.76 16.47 -6.84
CA LEU A 40 -3.00 15.43 -6.17
C LEU A 40 -3.27 14.09 -6.83
N LYS A 41 -2.23 13.34 -7.13
CA LYS A 41 -2.32 12.01 -7.68
C LYS A 41 -1.50 11.09 -6.81
N TRP A 42 -2.09 9.97 -6.44
CA TRP A 42 -1.47 8.97 -5.57
C TRP A 42 -1.36 7.66 -6.33
N CYS A 43 -0.49 6.78 -5.87
CA CYS A 43 -0.52 5.39 -6.31
C CYS A 43 -0.05 4.51 -5.18
N LEU A 44 -0.24 3.21 -5.35
CA LEU A 44 0.32 2.21 -4.47
C LEU A 44 1.60 1.67 -5.09
N ARG A 45 2.53 1.28 -4.23
CA ARG A 45 3.80 0.70 -4.65
C ARG A 45 4.04 -0.54 -3.83
N VAL A 46 4.35 -1.65 -4.49
CA VAL A 46 4.62 -2.92 -3.84
C VAL A 46 6.01 -3.39 -4.26
N ASN A 47 6.76 -3.87 -3.29
CA ASN A 47 7.96 -4.65 -3.55
C ASN A 47 7.59 -6.08 -3.22
N PRO A 48 7.36 -6.93 -4.21
CA PRO A 48 6.89 -8.28 -3.91
C PRO A 48 7.88 -9.07 -3.08
N LYS A 49 9.16 -8.77 -3.21
CA LYS A 49 10.21 -9.52 -2.55
C LYS A 49 10.98 -8.66 -1.58
N GLY A 50 10.34 -7.70 -0.97
CA GLY A 50 10.96 -6.89 0.03
C GLY A 50 11.77 -5.76 -0.58
N LEU A 51 12.08 -4.77 0.26
CA LEU A 51 12.88 -3.64 -0.16
C LEU A 51 14.36 -3.95 -0.07
N ASP A 52 14.76 -4.82 0.85
CA ASP A 52 16.17 -5.06 1.11
C ASP A 52 16.32 -6.41 1.81
N GLU A 53 17.56 -6.73 2.17
CA GLU A 53 17.86 -8.01 2.77
C GLU A 53 17.04 -8.26 4.03
N GLU A 54 16.96 -7.27 4.91
CA GLU A 54 16.22 -7.46 6.17
C GLU A 54 14.75 -7.75 5.92
N SER A 55 14.20 -7.27 4.81
CA SER A 55 12.78 -7.41 4.54
C SER A 55 12.50 -8.38 3.40
N LYS A 56 13.49 -9.18 2.99
CA LYS A 56 13.33 -10.01 1.80
C LYS A 56 12.26 -11.08 1.98
N ASP A 57 11.91 -11.41 3.21
CA ASP A 57 10.87 -12.41 3.45
C ASP A 57 9.47 -11.82 3.42
N TYR A 58 9.34 -10.52 3.18
CA TYR A 58 8.06 -9.84 3.25
C TYR A 58 7.74 -9.20 1.91
N LEU A 59 6.46 -8.94 1.70
CA LEU A 59 6.01 -8.00 0.70
C LEU A 59 5.90 -6.63 1.37
N SER A 60 6.41 -5.61 0.72
CA SER A 60 6.34 -4.25 1.19
C SER A 60 5.25 -3.50 0.42
N LEU A 61 4.57 -2.59 1.10
CA LEU A 61 3.42 -1.88 0.53
C LEU A 61 3.46 -0.43 1.00
N TYR A 62 3.47 0.48 0.03
CA TYR A 62 3.57 1.92 0.28
C TYR A 62 2.51 2.69 -0.48
N LEU A 63 2.14 3.83 0.09
CA LEU A 63 1.34 4.85 -0.56
C LEU A 63 2.28 5.96 -1.03
N LEU A 64 2.23 6.28 -2.32
CA LEU A 64 3.10 7.25 -2.94
C LEU A 64 2.29 8.46 -3.39
N LEU A 65 2.76 9.66 -3.05
CA LEU A 65 2.19 10.87 -3.61
C LEU A 65 2.94 11.14 -4.91
N VAL A 66 2.33 10.75 -6.04
CA VAL A 66 3.01 10.82 -7.33
C VAL A 66 3.10 12.25 -7.84
N SER A 67 2.02 13.00 -7.72
CA SER A 67 1.99 14.37 -8.21
C SER A 67 1.34 15.25 -7.17
N CYS A 68 2.00 16.38 -6.87
CA CYS A 68 1.47 17.34 -5.93
C CYS A 68 2.17 18.66 -6.15
N PRO A 69 1.47 19.70 -6.61
CA PRO A 69 2.12 20.99 -6.85
C PRO A 69 2.29 21.85 -5.62
N LYS A 70 1.79 21.41 -4.47
CA LYS A 70 1.93 22.12 -3.20
C LYS A 70 3.08 21.53 -2.41
N SER A 71 3.55 22.29 -1.41
CA SER A 71 4.70 21.85 -0.64
C SER A 71 4.46 20.51 0.02
N GLU A 72 3.31 20.34 0.67
CA GLU A 72 3.13 19.18 1.52
C GLU A 72 1.64 18.91 1.65
N VAL A 73 1.33 17.65 1.94
CA VAL A 73 -0.03 17.18 2.21
C VAL A 73 0.07 16.15 3.33
N ARG A 74 -0.80 16.25 4.33
CA ARG A 74 -0.82 15.29 5.41
C ARG A 74 -1.97 14.31 5.19
N ALA A 75 -1.70 13.02 5.43
CA ALA A 75 -2.73 12.03 5.23
C ALA A 75 -2.50 10.82 6.13
N LYS A 76 -3.61 10.28 6.64
CA LYS A 76 -3.66 8.95 7.23
C LYS A 76 -3.95 7.93 6.11
N PHE A 77 -3.54 6.68 6.32
CA PHE A 77 -3.83 5.64 5.33
C PHE A 77 -3.97 4.29 6.02
N LYS A 78 -4.60 3.37 5.30
CA LYS A 78 -4.83 2.01 5.73
C LYS A 78 -4.76 1.11 4.51
N PHE A 79 -4.11 -0.04 4.67
CA PHE A 79 -4.07 -1.04 3.62
C PHE A 79 -4.66 -2.34 4.13
N SER A 80 -5.39 -3.02 3.25
CA SER A 80 -6.01 -4.30 3.55
CA SER A 80 -5.98 -4.32 3.56
C SER A 80 -5.76 -5.23 2.37
N ILE A 81 -5.78 -6.53 2.62
CA ILE A 81 -5.80 -7.54 1.57
C ILE A 81 -7.23 -8.03 1.45
N LEU A 82 -7.73 -8.21 0.23
CA LEU A 82 -9.05 -8.80 0.01
C LEU A 82 -8.88 -10.30 -0.21
N ASN A 83 -9.60 -11.09 0.59
CA ASN A 83 -9.47 -12.54 0.54
C ASN A 83 -10.30 -13.14 -0.58
N ALA A 84 -10.30 -14.48 -0.64
CA ALA A 84 -11.00 -15.22 -1.66
C ALA A 84 -12.52 -15.08 -1.58
N LYS A 85 -13.03 -14.41 -0.57
CA LYS A 85 -14.46 -14.10 -0.46
C LYS A 85 -14.78 -12.62 -0.67
N GLY A 86 -13.78 -11.77 -0.90
CA GLY A 86 -14.01 -10.35 -1.15
C GLY A 86 -13.94 -9.47 0.08
N GLU A 87 -13.57 -10.02 1.23
CA GLU A 87 -13.56 -9.30 2.49
C GLU A 87 -12.16 -8.89 2.89
N GLU A 88 -12.09 -7.78 3.62
CA GLU A 88 -10.82 -7.25 4.08
C GLU A 88 -10.22 -8.15 5.15
N THR A 89 -8.91 -8.35 5.07
CA THR A 89 -8.14 -9.09 6.07
C THR A 89 -6.73 -8.51 6.14
N LYS A 90 -6.09 -8.77 7.26
CA LYS A 90 -4.68 -8.45 7.48
C LYS A 90 -4.40 -6.96 7.28
N ALA A 91 -5.35 -6.11 7.63
CA ALA A 91 -5.19 -4.69 7.45
C ALA A 91 -4.21 -4.10 8.47
N MET A 92 -3.53 -3.03 8.05
CA MET A 92 -2.75 -2.22 8.99
C MET A 92 -2.98 -0.77 8.61
N GLU A 93 -3.10 0.07 9.63
CA GLU A 93 -3.32 1.49 9.45
C GLU A 93 -2.14 2.28 9.99
N SER A 94 -1.99 3.50 9.46
CA SER A 94 -0.90 4.37 9.86
C SER A 94 -1.11 5.01 11.21
N GLN A 95 -2.36 5.03 11.71
CA GLN A 95 -2.73 5.59 13.00
C GLN A 95 -2.75 7.11 13.02
N ARG A 96 -1.64 7.72 12.66
CA ARG A 96 -1.55 9.16 12.56
C ARG A 96 -1.35 9.55 11.11
N ALA A 97 -1.53 10.85 10.84
CA ALA A 97 -1.32 11.38 9.50
C ALA A 97 0.16 11.63 9.27
N TYR A 98 0.66 11.21 8.11
CA TYR A 98 2.04 11.41 7.71
C TYR A 98 2.13 12.51 6.68
N ARG A 99 3.28 13.17 6.64
CA ARG A 99 3.52 14.32 5.79
C ARG A 99 4.09 13.83 4.46
N PHE A 100 3.31 14.00 3.39
CA PHE A 100 3.76 13.63 2.06
C PHE A 100 4.19 14.88 1.33
N VAL A 101 5.15 14.70 0.42
CA VAL A 101 5.51 15.67 -0.60
C VAL A 101 5.55 14.91 -1.92
N GLN A 102 5.60 15.64 -3.03
CA GLN A 102 5.68 14.97 -4.31
C GLN A 102 6.87 14.01 -4.33
N GLY A 103 6.60 12.77 -4.68
CA GLY A 103 7.59 11.73 -4.82
C GLY A 103 7.87 10.94 -3.55
N LYS A 104 7.22 11.27 -2.45
CA LYS A 104 7.44 10.64 -1.16
C LYS A 104 6.40 9.56 -0.96
N ASP A 105 6.83 8.47 -0.36
CA ASP A 105 5.90 7.44 0.06
C ASP A 105 6.01 7.23 1.56
N TRP A 106 4.97 6.59 2.08
CA TRP A 106 4.95 6.13 3.47
C TRP A 106 4.22 4.79 3.43
N GLY A 107 4.64 3.88 4.28
CA GLY A 107 4.02 2.57 4.26
C GLY A 107 4.77 1.58 5.12
N PHE A 108 4.63 0.32 4.75
CA PHE A 108 5.06 -0.80 5.58
C PHE A 108 6.07 -1.65 4.83
N LYS A 109 7.32 -1.57 5.25
CA LYS A 109 8.37 -2.39 4.65
C LYS A 109 8.08 -3.87 4.85
N LYS A 110 7.47 -4.23 5.97
CA LYS A 110 7.13 -5.62 6.28
C LYS A 110 5.62 -5.72 6.38
N PHE A 111 4.95 -5.55 5.25
CA PHE A 111 3.49 -5.54 5.28
C PHE A 111 2.94 -6.94 5.57
N ILE A 112 3.45 -7.96 4.90
CA ILE A 112 3.00 -9.34 5.18
C ILE A 112 4.12 -10.30 4.79
N ARG A 113 4.34 -11.32 5.63
CA ARG A 113 5.31 -12.34 5.29
C ARG A 113 4.87 -13.08 4.03
N ARG A 114 5.82 -13.26 3.11
CA ARG A 114 5.49 -13.83 1.81
C ARG A 114 5.04 -15.28 1.93
N ASP A 115 5.62 -16.05 2.86
CA ASP A 115 5.23 -17.45 2.98
C ASP A 115 3.77 -17.57 3.39
N PHE A 116 3.24 -16.64 4.17
CA PHE A 116 1.82 -16.65 4.50
C PHE A 116 1.00 -16.34 3.26
N LEU A 117 1.41 -15.32 2.51
CA LEU A 117 0.74 -14.96 1.29
C LEU A 117 0.67 -16.13 0.30
N LEU A 118 1.77 -16.88 0.17
CA LEU A 118 1.87 -17.95 -0.81
C LEU A 118 1.26 -19.27 -0.32
N ASP A 119 0.78 -19.33 0.92
CA ASP A 119 0.14 -20.53 1.46
C ASP A 119 -1.32 -20.50 1.00
N GLU A 120 -1.66 -21.42 0.10
CA GLU A 120 -3.01 -21.44 -0.48
C GLU A 120 -4.09 -21.53 0.58
N ALA A 121 -3.82 -22.16 1.73
CA ALA A 121 -4.84 -22.25 2.76
C ALA A 121 -5.33 -20.91 3.25
N ASN A 122 -4.57 -19.83 3.04
CA ASN A 122 -4.99 -18.52 3.51
C ASN A 122 -5.87 -17.80 2.50
N GLY A 123 -5.92 -18.28 1.26
CA GLY A 123 -6.85 -17.75 0.28
C GLY A 123 -6.57 -16.31 -0.11
N LEU A 124 -5.31 -15.89 -0.08
CA LEU A 124 -4.97 -14.51 -0.38
C LEU A 124 -4.42 -14.31 -1.78
N LEU A 125 -4.16 -15.39 -2.54
CA LEU A 125 -3.75 -15.27 -3.95
C LEU A 125 -4.67 -16.13 -4.81
N PRO A 126 -5.99 -15.96 -4.68
CA PRO A 126 -6.91 -16.75 -5.51
C PRO A 126 -6.65 -16.44 -6.98
N ASP A 127 -6.55 -17.50 -7.80
CA ASP A 127 -6.31 -17.34 -9.23
C ASP A 127 -5.01 -16.57 -9.51
N ASP A 128 -4.05 -16.66 -8.60
CA ASP A 128 -2.75 -16.01 -8.74
C ASP A 128 -2.87 -14.50 -8.76
N LYS A 129 -3.86 -13.95 -8.06
CA LYS A 129 -4.09 -12.52 -8.00
C LYS A 129 -4.01 -12.06 -6.55
N LEU A 130 -3.33 -10.94 -6.33
CA LEU A 130 -3.30 -10.27 -5.03
C LEU A 130 -4.10 -8.98 -5.13
N THR A 131 -5.16 -8.86 -4.35
CA THR A 131 -6.00 -7.69 -4.33
C THR A 131 -5.80 -6.93 -3.04
N LEU A 132 -5.42 -5.66 -3.18
CA LEU A 132 -5.12 -4.75 -2.10
C LEU A 132 -6.10 -3.59 -2.12
N PHE A 133 -6.45 -3.11 -0.94
CA PHE A 133 -7.44 -2.05 -0.78
C PHE A 133 -6.80 -0.99 0.09
N CYS A 134 -6.72 0.23 -0.43
CA CYS A 134 -6.11 1.35 0.29
C CYS A 134 -7.19 2.38 0.55
N GLU A 135 -7.29 2.79 1.82
CA GLU A 135 -8.13 3.89 2.23
C GLU A 135 -7.23 5.02 2.69
N VAL A 136 -7.51 6.23 2.21
CA VAL A 136 -6.73 7.41 2.55
C VAL A 136 -7.67 8.46 3.13
N SER A 137 -7.18 9.17 4.13
CA SER A 137 -7.85 10.34 4.70
C SER A 137 -6.87 11.50 4.62
N VAL A 138 -7.08 12.42 3.68
CA VAL A 138 -6.16 13.51 3.43
CA VAL A 138 -6.17 13.52 3.42
C VAL A 138 -6.68 14.78 4.08
N VAL A 139 -5.78 15.52 4.70
CA VAL A 139 -6.11 16.83 5.25
C VAL A 139 -6.08 17.87 4.13
N GLN A 140 -7.16 18.63 4.00
CA GLN A 140 -7.22 19.73 3.03
C GLN A 140 -7.09 21.04 3.80
N ASP A 141 -6.00 21.77 3.54
CA ASP A 141 -5.79 23.06 4.17
C ASP A 141 -6.94 24.01 3.84
N LYS B 1 9.42 -14.94 13.02
CA LYS B 1 9.38 -13.52 12.55
C LYS B 1 7.91 -13.09 12.51
N PRO B 2 7.62 -11.84 12.84
CA PRO B 2 6.22 -11.41 12.83
C PRO B 2 5.58 -11.53 11.45
N LEU B 3 4.28 -11.87 11.44
CA LEU B 3 3.58 -11.95 10.15
C LEU B 3 3.52 -10.58 9.49
N GLN B 4 3.33 -9.54 10.28
CA GLN B 4 3.24 -8.16 9.80
C GLN B 4 3.87 -7.28 10.85
N VAL B 5 4.56 -6.22 10.41
CA VAL B 5 5.14 -5.24 11.31
C VAL B 5 4.49 -3.90 11.01
N ALA B 6 3.85 -3.30 12.02
CA ALA B 6 3.03 -2.10 11.82
C ALA B 6 3.84 -0.82 11.83
N ALA B 7 5.16 -0.91 11.78
CA ALA B 7 6.02 0.26 11.74
C ALA B 7 5.93 0.91 10.38
N VAL B 8 5.67 2.22 10.38
CA VAL B 8 5.54 3.00 9.17
C VAL B 8 6.88 3.67 8.89
N ASP B 9 7.32 3.59 7.63
CA ASP B 9 8.54 4.24 7.20
C ASP B 9 8.37 4.71 5.76
N SER B 10 9.39 5.32 5.23
CA SER B 10 9.42 5.85 3.88
C SER B 10 10.54 5.16 3.11
N SER B 11 10.23 4.71 1.89
CA SER B 11 11.21 4.01 1.05
C SER B 11 12.24 4.98 0.49
#